data_1ZXL
#
_entry.id   1ZXL
#
_cell.length_a   131.455
_cell.length_b   131.455
_cell.length_c   82.536
_cell.angle_alpha   90.00
_cell.angle_beta   90.00
_cell.angle_gamma   90.00
#
_symmetry.space_group_name_H-M   'P 43 21 2'
#
loop_
_entity.id
_entity.type
_entity.pdbx_description
1 polymer 'enoyl-acyl carrier reductase'
2 non-polymer NICOTINAMIDE-ADENINE-DINUCLEOTIDE
3 non-polymer N-[3-CHLORO-4-(4-CHLORO-2-HYDROXYPHENOXY)PHENYL]MORPHOLINE-4-CARBOXAMIDE
#
_entity_poly.entity_id   1
_entity_poly.type   'polypeptide(L)'
_entity_poly.pdbx_seq_one_letter_code
;EDICFIAGIGDTNGYGWGIAKELSKRNVKIIFGIWPPVYNIFMKNYKNGKFDNDMIIDKDKKMNILDMLPFDASFDTAND
IDEETKNNKRYNMLQNYTIEDVANLIHQKYGKINMLVHSLANAKEVQKDLLNTSRKGYLDALSKSSYSLISLCKYFVNIM
KPQSSIISLTYHASQKVVPGYGGGMSSAKAALESDTRVLAYHLGRNYNIRINTISAGPLKSRAATAINKLNNTYENNTNQ
NKNRNSHDVHNIMNNSGEKEEKKNSASQNYTFIDYAIEYSEKYAPLRQKLLSTDIGSVASFLLSRESRAITGQTIYVDNG
LNIMFLPDDIYRNENE
;
_entity_poly.pdbx_strand_id   A,B
#
loop_
_chem_comp.id
_chem_comp.type
_chem_comp.name
_chem_comp.formula
JP1 non-polymer N-[3-CHLORO-4-(4-CHLORO-2-HYDROXYPHENOXY)PHENYL]MORPHOLINE-4-CARBOXAMIDE 'C17 H16 Cl2 N2 O4'
NAD non-polymer NICOTINAMIDE-ADENINE-DINUCLEOTIDE 'C21 H27 N7 O14 P2'
#
# COMPACT_ATOMS: atom_id res chain seq x y z
N GLU A 1 -14.13 -5.89 -18.07
CA GLU A 1 -13.25 -6.16 -19.25
C GLU A 1 -12.03 -5.22 -19.18
N ASP A 2 -10.84 -5.79 -18.92
CA ASP A 2 -9.67 -4.97 -18.49
C ASP A 2 -8.41 -4.97 -19.35
N ILE A 3 -7.89 -3.77 -19.61
CA ILE A 3 -6.68 -3.58 -20.43
C ILE A 3 -5.61 -2.71 -19.71
N CYS A 4 -4.36 -3.17 -19.71
CA CYS A 4 -3.25 -2.40 -19.13
C CYS A 4 -2.07 -2.16 -20.09
N PHE A 5 -1.66 -0.89 -20.22
CA PHE A 5 -0.46 -0.58 -21.01
C PHE A 5 0.73 -0.55 -20.07
N ILE A 6 1.84 -1.14 -20.50
CA ILE A 6 3.05 -1.17 -19.71
C ILE A 6 4.16 -0.57 -20.56
N ALA A 7 4.62 0.61 -20.15
CA ALA A 7 5.60 1.38 -20.89
C ALA A 7 6.95 1.11 -20.28
N GLY A 8 7.79 0.38 -21.01
CA GLY A 8 9.15 0.04 -20.52
C GLY A 8 9.45 -1.44 -20.36
N ILE A 9 9.90 -2.04 -21.45
CA ILE A 9 10.20 -3.46 -21.52
C ILE A 9 11.23 -3.62 -22.64
N GLY A 10 12.16 -4.55 -22.44
CA GLY A 10 13.15 -4.98 -23.41
C GLY A 10 13.52 -6.44 -23.16
N ASP A 11 13.04 -6.99 -22.04
CA ASP A 11 13.27 -8.38 -21.69
C ASP A 11 12.24 -8.83 -20.65
N THR A 12 12.50 -9.98 -20.02
CA THR A 12 11.58 -10.52 -19.01
C THR A 12 12.17 -10.58 -17.62
N ASN A 13 13.31 -9.95 -17.42
CA ASN A 13 13.97 -9.96 -16.11
C ASN A 13 13.75 -8.70 -15.30
N GLY A 14 12.83 -7.85 -15.78
CA GLY A 14 12.50 -6.62 -15.08
C GLY A 14 11.20 -6.64 -14.30
N TYR A 15 10.87 -5.49 -13.74
CA TYR A 15 9.62 -5.34 -13.00
C TYR A 15 8.36 -5.26 -13.87
N GLY A 16 8.47 -4.75 -15.09
CA GLY A 16 7.31 -4.65 -15.98
C GLY A 16 6.76 -6.03 -16.23
N TRP A 17 7.65 -6.95 -16.53
CA TRP A 17 7.31 -8.36 -16.62
C TRP A 17 6.67 -8.89 -15.33
N GLY A 18 7.35 -8.76 -14.18
CA GLY A 18 6.76 -9.05 -12.88
C GLY A 18 5.32 -8.54 -12.75
N ILE A 19 5.12 -7.28 -13.10
CA ILE A 19 3.83 -6.64 -13.05
C ILE A 19 2.81 -7.25 -14.00
N ALA A 20 3.29 -7.71 -15.17
CA ALA A 20 2.40 -8.29 -16.20
C ALA A 20 1.95 -9.70 -15.83
N LYS A 21 2.75 -10.39 -15.02
CA LYS A 21 2.46 -11.75 -14.64
C LYS A 21 1.36 -11.74 -13.58
N GLU A 22 1.40 -10.76 -12.70
CA GLU A 22 0.48 -10.72 -11.57
C GLU A 22 -0.86 -10.17 -11.99
N LEU A 23 -0.84 -9.28 -13.00
CA LEU A 23 -2.06 -8.71 -13.56
C LEU A 23 -2.80 -9.78 -14.29
N SER A 24 -2.05 -10.62 -14.99
CA SER A 24 -2.63 -11.77 -15.66
C SER A 24 -3.45 -12.65 -14.71
N LYS A 25 -2.90 -12.92 -13.54
CA LYS A 25 -3.65 -13.63 -12.50
C LYS A 25 -5.12 -13.18 -12.34
N ARG A 26 -5.40 -11.89 -12.48
CA ARG A 26 -6.78 -11.39 -12.44
C ARG A 26 -7.34 -11.05 -13.83
N ASN A 27 -6.91 -11.77 -14.85
CA ASN A 27 -7.44 -11.63 -16.22
C ASN A 27 -7.42 -10.23 -16.83
N VAL A 28 -6.29 -9.53 -16.71
CA VAL A 28 -6.13 -8.23 -17.36
C VAL A 28 -5.25 -8.31 -18.61
N LYS A 29 -5.80 -7.83 -19.73
CA LYS A 29 -5.11 -7.78 -21.03
C LYS A 29 -3.90 -6.86 -20.94
N ILE A 30 -2.74 -7.34 -21.39
CA ILE A 30 -1.49 -6.58 -21.25
C ILE A 30 -1.04 -6.04 -22.60
N ILE A 31 -0.65 -4.76 -22.66
CA ILE A 31 -0.07 -4.22 -23.90
C ILE A 31 1.31 -3.70 -23.59
N PHE A 32 2.32 -4.32 -24.17
CA PHE A 32 3.69 -3.92 -23.90
C PHE A 32 4.13 -2.81 -24.82
N GLY A 33 4.76 -1.79 -24.23
CA GLY A 33 5.47 -0.77 -24.98
C GLY A 33 6.97 -1.00 -24.84
N ILE A 34 7.58 -1.46 -25.94
CA ILE A 34 9.01 -1.75 -26.02
C ILE A 34 9.76 -0.55 -26.61
N TRP A 35 10.88 -0.20 -25.97
CA TRP A 35 11.82 0.80 -26.47
C TRP A 35 12.20 0.37 -27.87
N PRO A 36 12.08 1.28 -28.88
CA PRO A 36 12.32 0.82 -30.25
C PRO A 36 13.66 0.10 -30.48
N PRO A 37 14.79 0.63 -29.99
CA PRO A 37 16.06 -0.04 -30.24
C PRO A 37 16.05 -1.54 -29.97
N VAL A 38 15.21 -2.03 -29.07
CA VAL A 38 15.15 -3.48 -28.80
C VAL A 38 13.82 -4.15 -29.19
N TYR A 39 12.90 -3.36 -29.74
CA TYR A 39 11.62 -3.88 -30.22
C TYR A 39 11.78 -5.15 -31.08
N ASN A 40 12.61 -5.06 -32.11
CA ASN A 40 12.76 -6.17 -33.04
C ASN A 40 13.40 -7.42 -32.44
N ILE A 41 14.46 -7.25 -31.64
CA ILE A 41 15.07 -8.37 -30.93
C ILE A 41 14.02 -8.99 -29.99
N PHE A 42 13.27 -8.14 -29.28
CA PHE A 42 12.25 -8.64 -28.34
C PHE A 42 11.19 -9.43 -29.08
N MET A 43 10.80 -8.94 -30.25
CA MET A 43 9.75 -9.57 -31.03
C MET A 43 10.18 -10.93 -31.59
N LYS A 44 11.31 -10.95 -32.28
CA LYS A 44 11.92 -12.18 -32.78
C LYS A 44 12.07 -13.18 -31.63
N ASN A 45 12.63 -12.71 -30.51
CA ASN A 45 12.72 -13.50 -29.27
C ASN A 45 11.40 -14.07 -28.77
N TYR A 46 10.31 -13.30 -28.91
CA TYR A 46 8.96 -13.75 -28.54
C TYR A 46 8.48 -14.88 -29.45
N LYS A 47 8.37 -14.57 -30.74
CA LYS A 47 8.03 -15.54 -31.79
C LYS A 47 8.74 -16.89 -31.55
N ASN A 48 10.03 -16.83 -31.26
CA ASN A 48 10.86 -18.02 -31.01
C ASN A 48 10.74 -18.64 -29.62
N GLY A 49 9.66 -18.30 -28.91
CA GLY A 49 9.30 -18.92 -27.63
C GLY A 49 10.26 -18.85 -26.46
N LYS A 50 11.14 -17.85 -26.46
CA LYS A 50 12.08 -17.64 -25.36
C LYS A 50 11.34 -17.37 -24.06
N PHE A 51 10.18 -16.74 -24.17
CA PHE A 51 9.42 -16.32 -23.01
C PHE A 51 8.25 -17.24 -22.69
N ASP A 52 8.01 -18.22 -23.56
CA ASP A 52 6.96 -19.22 -23.32
C ASP A 52 6.97 -19.78 -21.89
N ASN A 53 8.16 -20.02 -21.35
CA ASN A 53 8.32 -20.45 -19.97
C ASN A 53 7.96 -19.34 -19.01
N ASP A 54 8.41 -18.14 -19.32
CA ASP A 54 8.18 -17.01 -18.44
C ASP A 54 6.74 -16.51 -18.54
N MET A 55 5.98 -17.03 -19.49
CA MET A 55 4.61 -16.54 -19.73
C MET A 55 3.54 -17.35 -18.99
N ILE A 56 4.00 -18.39 -18.31
CA ILE A 56 3.15 -19.30 -17.55
C ILE A 56 2.73 -18.67 -16.23
N ILE A 57 1.47 -18.80 -15.87
CA ILE A 57 1.00 -18.34 -14.57
C ILE A 57 0.57 -19.54 -13.75
N ASP A 58 0.96 -19.53 -12.48
CA ASP A 58 0.67 -20.60 -11.50
C ASP A 58 -0.50 -21.45 -11.98
N LYS A 59 -1.71 -20.87 -11.90
CA LYS A 59 -2.95 -21.49 -12.35
C LYS A 59 -3.12 -21.48 -13.87
N ASP A 60 -2.52 -22.48 -14.53
CA ASP A 60 -2.78 -22.82 -15.94
C ASP A 60 -3.43 -21.76 -16.79
N LYS A 61 -2.75 -20.63 -16.85
CA LYS A 61 -3.11 -19.52 -17.70
C LYS A 61 -1.86 -19.10 -18.45
N LYS A 62 -2.08 -18.75 -19.71
CA LYS A 62 -1.08 -18.05 -20.49
C LYS A 62 -1.21 -16.60 -20.04
N MET A 63 -0.11 -15.86 -20.06
CA MET A 63 -0.21 -14.41 -19.97
C MET A 63 -0.90 -13.93 -21.24
N ASN A 64 -1.90 -13.06 -21.09
CA ASN A 64 -2.69 -12.61 -22.23
C ASN A 64 -2.06 -11.33 -22.78
N ILE A 65 -1.10 -11.48 -23.68
CA ILE A 65 -0.49 -10.31 -24.31
C ILE A 65 -1.40 -9.84 -25.45
N LEU A 66 -2.09 -8.72 -25.24
CA LEU A 66 -3.00 -8.18 -26.25
C LEU A 66 -2.23 -7.71 -27.51
N ASP A 67 -1.07 -7.09 -27.29
CA ASP A 67 -0.28 -6.48 -28.37
C ASP A 67 1.10 -6.10 -27.84
N MET A 68 1.96 -5.74 -28.79
CA MET A 68 3.33 -5.43 -28.51
C MET A 68 3.77 -4.38 -29.50
N LEU A 69 3.87 -3.15 -29.01
CA LEU A 69 4.17 -1.97 -29.82
C LEU A 69 5.51 -1.36 -29.48
N PRO A 70 6.20 -0.83 -30.49
CA PRO A 70 7.34 0.03 -30.25
C PRO A 70 6.83 1.30 -29.56
N PHE A 71 7.59 1.77 -28.56
CA PHE A 71 7.19 2.90 -27.74
C PHE A 71 8.44 3.60 -27.23
N ASP A 72 8.51 4.90 -27.39
CA ASP A 72 9.73 5.62 -26.99
C ASP A 72 9.39 6.84 -26.15
N ALA A 73 9.72 6.73 -24.87
CA ALA A 73 9.34 7.67 -23.86
C ALA A 73 10.02 9.05 -23.98
N SER A 74 10.96 9.18 -24.91
CA SER A 74 11.72 10.43 -25.06
C SER A 74 11.08 11.43 -26.02
N PHE A 75 10.15 10.98 -26.86
CA PHE A 75 9.40 11.86 -27.77
C PHE A 75 7.89 11.90 -27.50
N ASP A 76 7.35 13.09 -27.23
CA ASP A 76 5.91 13.26 -26.94
C ASP A 76 5.01 13.15 -28.15
N THR A 77 5.41 13.78 -29.26
CA THR A 77 4.62 13.68 -30.49
C THR A 77 5.55 13.42 -31.64
N ALA A 78 4.92 13.21 -32.80
CA ALA A 78 5.65 13.01 -34.05
C ALA A 78 6.64 14.16 -34.35
N ASN A 79 6.21 15.38 -34.05
CA ASN A 79 7.03 16.55 -34.29
C ASN A 79 8.15 16.77 -33.28
N ASP A 80 8.49 15.75 -32.49
CA ASP A 80 9.54 15.91 -31.49
C ASP A 80 10.75 15.07 -31.83
N ILE A 81 10.52 14.16 -32.76
CA ILE A 81 11.51 13.19 -33.11
C ILE A 81 12.49 13.75 -34.14
N ASP A 82 13.77 13.75 -33.78
CA ASP A 82 14.86 14.33 -34.59
C ASP A 82 15.40 13.44 -35.74
N GLU A 83 16.08 14.11 -36.68
CA GLU A 83 16.72 13.53 -37.90
C GLU A 83 17.64 12.28 -37.70
N GLU A 84 18.62 12.40 -36.79
CA GLU A 84 19.53 11.29 -36.44
C GLU A 84 18.80 9.99 -36.05
N THR A 85 17.80 10.10 -35.17
CA THR A 85 16.99 8.93 -34.81
C THR A 85 15.99 8.60 -35.94
N LYS A 86 15.71 9.58 -36.81
CA LYS A 86 14.95 9.32 -38.05
C LYS A 86 15.71 8.39 -39.03
N ASN A 87 17.01 8.60 -39.22
CA ASN A 87 17.85 7.63 -39.96
C ASN A 87 17.94 6.32 -39.20
N ASN A 88 18.44 6.44 -37.97
CA ASN A 88 18.79 5.31 -37.13
C ASN A 88 18.31 3.94 -37.64
N LYS A 89 19.28 3.14 -38.07
CA LYS A 89 19.13 1.69 -38.27
C LYS A 89 17.84 1.10 -37.65
N ARG A 90 17.71 1.17 -36.33
CA ARG A 90 16.63 0.50 -35.55
C ARG A 90 15.26 1.19 -35.66
N TYR A 91 15.25 2.49 -35.42
CA TYR A 91 14.05 3.31 -35.44
C TYR A 91 13.37 3.39 -36.79
N ASN A 92 14.20 3.25 -37.82
CA ASN A 92 13.82 3.69 -39.14
C ASN A 92 12.66 2.92 -39.76
N MET A 93 12.64 1.61 -39.54
CA MET A 93 11.61 0.76 -40.13
C MET A 93 10.46 0.44 -39.16
N LEU A 94 10.30 1.32 -38.16
CA LEU A 94 9.12 1.33 -37.30
C LEU A 94 8.53 2.71 -37.41
N GLN A 95 7.28 2.84 -37.00
CA GLN A 95 6.62 4.14 -36.96
C GLN A 95 5.65 4.18 -35.79
N ASN A 96 5.14 5.39 -35.52
CA ASN A 96 4.10 5.64 -34.53
C ASN A 96 4.43 5.20 -33.13
N TYR A 97 5.61 5.58 -32.67
CA TYR A 97 6.11 5.09 -31.40
C TYR A 97 6.40 6.17 -30.41
N THR A 98 6.01 7.42 -30.71
CA THR A 98 5.99 8.49 -29.72
C THR A 98 4.86 8.21 -28.71
N ILE A 99 4.85 8.96 -27.60
CA ILE A 99 3.83 8.77 -26.55
C ILE A 99 2.41 8.93 -27.10
N GLU A 100 2.19 10.02 -27.84
CA GLU A 100 0.88 10.32 -28.41
C GLU A 100 0.46 9.36 -29.52
N ASP A 101 1.44 8.87 -30.28
CA ASP A 101 1.13 7.98 -31.41
C ASP A 101 0.63 6.65 -30.90
N VAL A 102 1.22 6.17 -29.79
CA VAL A 102 0.80 4.91 -29.16
C VAL A 102 -0.49 5.03 -28.30
N ALA A 103 -0.67 6.12 -27.59
CA ALA A 103 -1.97 6.40 -26.98
C ALA A 103 -3.07 6.28 -28.02
N ASN A 104 -2.79 6.72 -29.25
CA ASN A 104 -3.75 6.61 -30.36
C ASN A 104 -3.91 5.17 -30.87
N LEU A 105 -2.80 4.54 -31.30
CA LEU A 105 -2.83 3.17 -31.84
C LEU A 105 -3.66 2.23 -30.96
N ILE A 106 -3.28 2.12 -29.69
CA ILE A 106 -4.01 1.37 -28.68
C ILE A 106 -5.51 1.71 -28.65
N HIS A 107 -5.83 2.99 -28.48
CA HIS A 107 -7.19 3.46 -28.46
C HIS A 107 -7.90 2.97 -29.71
N GLN A 108 -7.25 3.18 -30.85
CA GLN A 108 -7.78 2.82 -32.15
C GLN A 108 -8.21 1.35 -32.25
N LYS A 109 -7.37 0.46 -31.72
CA LYS A 109 -7.56 -1.00 -31.85
C LYS A 109 -8.47 -1.62 -30.78
N TYR A 110 -8.36 -1.15 -29.55
CA TYR A 110 -9.05 -1.81 -28.45
C TYR A 110 -9.95 -0.91 -27.56
N GLY A 111 -9.98 0.38 -27.86
CA GLY A 111 -10.82 1.30 -27.12
C GLY A 111 -10.14 1.97 -25.95
N LYS A 112 -10.90 2.19 -24.88
CA LYS A 112 -10.34 2.84 -23.72
C LYS A 112 -9.66 1.77 -22.89
N ILE A 113 -8.44 2.04 -22.48
CA ILE A 113 -7.80 1.23 -21.45
C ILE A 113 -8.13 1.79 -20.05
N ASN A 114 -7.77 1.07 -19.01
CA ASN A 114 -8.12 1.52 -17.67
C ASN A 114 -7.05 1.24 -16.59
N MET A 115 -5.87 0.77 -17.02
CA MET A 115 -4.72 0.67 -16.13
C MET A 115 -3.51 1.10 -16.90
N LEU A 116 -2.63 1.86 -16.26
CA LEU A 116 -1.42 2.38 -16.91
C LEU A 116 -0.18 2.16 -16.02
N VAL A 117 0.91 1.68 -16.62
CA VAL A 117 2.12 1.40 -15.87
C VAL A 117 3.27 2.13 -16.51
N HIS A 118 3.88 3.01 -15.72
CA HIS A 118 5.18 3.57 -16.05
C HIS A 118 6.28 2.76 -15.37
N SER A 119 7.04 2.01 -16.16
CA SER A 119 8.07 1.15 -15.61
C SER A 119 9.38 1.27 -16.39
N LEU A 120 9.93 2.48 -16.46
CA LEU A 120 11.10 2.70 -17.27
C LEU A 120 12.05 3.72 -16.66
N ALA A 121 13.35 3.54 -16.93
CA ALA A 121 14.38 4.54 -16.56
C ALA A 121 15.56 4.60 -17.52
N ASN A 122 16.06 5.83 -17.68
CA ASN A 122 17.30 6.08 -18.39
C ASN A 122 18.05 7.30 -17.83
N ALA A 123 19.33 7.07 -17.59
CA ALA A 123 20.25 8.12 -17.23
C ALA A 123 21.58 7.79 -17.90
N LYS A 124 21.78 8.39 -19.09
CA LYS A 124 23.04 8.30 -19.82
C LYS A 124 24.28 8.22 -18.92
N GLU A 125 24.34 9.01 -17.85
CA GLU A 125 25.55 9.05 -17.02
C GLU A 125 25.39 8.42 -15.66
N VAL A 126 24.54 7.40 -15.53
CA VAL A 126 24.36 6.76 -14.22
C VAL A 126 25.71 6.31 -13.64
N GLN A 127 26.63 6.05 -14.56
CA GLN A 127 28.03 5.73 -14.31
C GLN A 127 28.74 6.74 -13.39
N LYS A 128 28.43 8.02 -13.53
CA LYS A 128 29.17 9.11 -12.85
C LYS A 128 28.46 9.42 -11.55
N ASP A 129 29.07 10.24 -10.69
CA ASP A 129 28.33 10.67 -9.51
C ASP A 129 27.74 12.07 -9.70
N LEU A 130 26.80 12.45 -8.84
CA LEU A 130 25.92 13.57 -9.15
C LEU A 130 26.76 14.77 -9.48
N LEU A 131 27.81 14.98 -8.69
CA LEU A 131 28.73 16.09 -8.91
C LEU A 131 29.35 16.12 -10.33
N ASN A 132 29.69 14.96 -10.87
CA ASN A 132 30.39 14.92 -12.14
C ASN A 132 29.45 14.78 -13.31
N THR A 133 28.16 14.94 -13.03
CA THR A 133 27.16 14.81 -14.07
C THR A 133 27.04 16.11 -14.84
N SER A 134 26.92 15.97 -16.16
CA SER A 134 26.77 17.12 -17.08
C SER A 134 25.30 17.54 -17.18
N ARG A 135 25.07 18.76 -17.66
CA ARG A 135 23.71 19.29 -17.76
C ARG A 135 22.93 18.48 -18.77
N LYS A 136 23.49 18.37 -19.97
CA LYS A 136 22.90 17.56 -21.02
C LYS A 136 22.57 16.18 -20.40
N GLY A 137 23.55 15.60 -19.71
CA GLY A 137 23.38 14.28 -19.07
C GLY A 137 22.27 14.17 -18.02
N TYR A 138 22.24 15.13 -17.11
CA TYR A 138 21.23 15.25 -16.05
C TYR A 138 19.81 15.38 -16.62
N LEU A 139 19.67 16.22 -17.65
CA LEU A 139 18.36 16.58 -18.23
C LEU A 139 17.73 15.47 -19.06
N ASP A 140 18.57 14.74 -19.80
CA ASP A 140 18.17 13.46 -20.40
C ASP A 140 17.48 12.57 -19.34
N ALA A 141 18.15 12.38 -18.19
CA ALA A 141 17.65 11.54 -17.08
C ALA A 141 16.28 11.98 -16.59
N LEU A 142 16.16 13.28 -16.37
CA LEU A 142 14.88 13.80 -16.03
C LEU A 142 13.84 13.66 -17.16
N SER A 143 14.26 13.94 -18.39
CA SER A 143 13.35 13.79 -19.52
C SER A 143 12.83 12.37 -19.64
N LYS A 144 13.76 11.44 -19.70
CA LYS A 144 13.41 10.07 -19.94
C LYS A 144 12.80 9.37 -18.73
N SER A 145 13.24 9.67 -17.51
CA SER A 145 12.76 8.93 -16.32
C SER A 145 11.60 9.58 -15.53
N SER A 146 11.48 10.90 -15.62
CA SER A 146 10.54 11.65 -14.80
C SER A 146 9.47 12.29 -15.64
N TYR A 147 9.87 13.06 -16.64
CA TYR A 147 8.89 13.80 -17.42
C TYR A 147 7.97 12.88 -18.17
N SER A 148 8.56 11.87 -18.79
CA SER A 148 7.80 10.87 -19.53
C SER A 148 6.54 10.43 -18.78
N LEU A 149 6.61 10.32 -17.45
CA LEU A 149 5.44 9.91 -16.65
C LEU A 149 4.29 10.90 -16.80
N ILE A 150 4.57 12.17 -16.56
CA ILE A 150 3.64 13.25 -16.84
C ILE A 150 3.14 13.09 -18.29
N SER A 151 4.07 12.99 -19.22
CA SER A 151 3.66 12.99 -20.61
C SER A 151 2.69 11.83 -20.92
N LEU A 152 2.94 10.65 -20.36
CA LEU A 152 2.02 9.54 -20.49
C LEU A 152 0.62 9.95 -20.05
N CYS A 153 0.54 10.53 -18.84
CA CYS A 153 -0.74 10.82 -18.23
C CYS A 153 -1.55 11.71 -19.12
N LYS A 154 -0.92 12.75 -19.65
CA LYS A 154 -1.61 13.74 -20.47
C LYS A 154 -2.26 13.06 -21.64
N TYR A 155 -1.46 12.31 -22.38
CA TYR A 155 -1.92 11.65 -23.59
C TYR A 155 -2.85 10.47 -23.34
N PHE A 156 -2.56 9.69 -22.30
CA PHE A 156 -3.39 8.52 -21.95
C PHE A 156 -4.63 8.82 -21.11
N VAL A 157 -4.62 9.93 -20.38
CA VAL A 157 -5.82 10.34 -19.67
C VAL A 157 -7.04 10.31 -20.62
N ASN A 158 -6.81 10.62 -21.88
CA ASN A 158 -7.90 10.78 -22.86
C ASN A 158 -8.48 9.46 -23.35
N ILE A 159 -7.68 8.42 -23.27
CA ILE A 159 -8.14 7.11 -23.66
C ILE A 159 -8.32 6.24 -22.45
N MET A 160 -8.58 6.83 -21.28
CA MET A 160 -8.85 6.03 -20.09
C MET A 160 -10.28 6.17 -19.59
N LYS A 161 -10.81 5.09 -19.02
CA LYS A 161 -12.13 5.09 -18.39
C LYS A 161 -12.03 5.95 -17.15
N PRO A 162 -13.16 6.43 -16.62
CA PRO A 162 -12.95 7.02 -15.30
C PRO A 162 -12.73 5.93 -14.25
N GLN A 163 -12.17 6.30 -13.11
CA GLN A 163 -11.82 5.34 -12.06
C GLN A 163 -10.69 4.42 -12.43
N SER A 164 -10.03 4.75 -13.54
CA SER A 164 -8.76 4.16 -13.93
C SER A 164 -7.62 4.46 -12.95
N SER A 165 -6.55 3.70 -13.05
CA SER A 165 -5.45 3.85 -12.13
C SER A 165 -4.10 3.81 -12.87
N ILE A 166 -3.16 4.65 -12.43
CA ILE A 166 -1.79 4.67 -12.96
C ILE A 166 -0.72 4.37 -11.87
N ILE A 167 0.30 3.58 -12.24
CA ILE A 167 1.52 3.48 -11.42
C ILE A 167 2.87 3.64 -12.12
N SER A 168 3.91 3.64 -11.30
CA SER A 168 5.24 4.10 -11.65
C SER A 168 6.15 3.50 -10.60
N LEU A 169 7.32 3.06 -11.03
CA LEU A 169 8.28 2.46 -10.12
C LEU A 169 9.35 3.46 -9.69
N THR A 170 9.69 3.46 -8.41
CA THR A 170 10.68 4.44 -7.91
C THR A 170 11.77 3.76 -7.09
N TYR A 171 12.76 4.54 -6.66
CA TYR A 171 13.81 4.00 -5.76
C TYR A 171 14.15 4.94 -4.60
N HIS A 172 14.46 4.35 -3.43
CA HIS A 172 14.77 5.11 -2.20
C HIS A 172 15.97 6.06 -2.33
N ALA A 173 16.74 5.95 -3.41
CA ALA A 173 17.90 6.82 -3.59
C ALA A 173 17.53 8.31 -3.68
N SER A 174 16.23 8.57 -3.82
CA SER A 174 15.68 9.92 -3.90
C SER A 174 15.40 10.52 -2.51
N GLN A 175 15.24 9.66 -1.50
CA GLN A 175 14.99 10.12 -0.12
C GLN A 175 16.25 10.11 0.73
N LYS A 176 17.02 9.02 0.59
CA LYS A 176 18.28 8.84 1.31
C LYS A 176 19.37 8.55 0.28
N VAL A 177 20.60 8.94 0.58
CA VAL A 177 21.63 8.87 -0.45
C VAL A 177 22.18 7.46 -0.65
N VAL A 178 22.09 6.97 -1.88
CA VAL A 178 22.90 5.80 -2.17
C VAL A 178 24.06 6.14 -3.10
N PRO A 179 25.30 6.01 -2.59
CA PRO A 179 26.43 6.35 -3.42
C PRO A 179 26.42 5.39 -4.60
N GLY A 180 26.74 5.89 -5.78
CA GLY A 180 26.74 5.04 -6.95
C GLY A 180 25.48 5.15 -7.76
N TYR A 181 24.37 5.55 -7.14
CA TYR A 181 23.13 5.79 -7.88
C TYR A 181 23.21 7.14 -8.58
N GLY A 182 24.11 7.26 -9.56
CA GLY A 182 24.40 8.54 -10.16
C GLY A 182 23.57 8.94 -11.36
N GLY A 183 24.16 9.83 -12.15
CA GLY A 183 23.58 10.33 -13.41
C GLY A 183 22.39 11.26 -13.29
N GLY A 184 21.95 11.50 -12.06
CA GLY A 184 20.80 12.32 -11.81
C GLY A 184 19.59 11.44 -11.63
N MET A 185 19.81 10.13 -11.58
CA MET A 185 18.70 9.24 -11.32
C MET A 185 18.04 9.63 -9.99
N SER A 186 18.84 9.77 -8.93
CA SER A 186 18.32 10.09 -7.62
C SER A 186 17.41 11.30 -7.81
N SER A 187 17.96 12.32 -8.47
CA SER A 187 17.25 13.53 -8.87
C SER A 187 15.93 13.19 -9.59
N ALA A 188 16.07 12.48 -10.72
CA ALA A 188 14.96 11.97 -11.48
C ALA A 188 13.86 11.29 -10.61
N LYS A 189 14.25 10.42 -9.68
CA LYS A 189 13.23 9.72 -8.91
C LYS A 189 12.53 10.63 -7.88
N ALA A 190 13.28 11.56 -7.29
CA ALA A 190 12.65 12.58 -6.43
C ALA A 190 11.52 13.25 -7.14
N ALA A 191 11.78 13.71 -8.37
CA ALA A 191 10.76 14.45 -9.12
C ALA A 191 9.59 13.53 -9.42
N LEU A 192 9.90 12.32 -9.91
CA LEU A 192 8.86 11.31 -10.09
C LEU A 192 7.98 11.22 -8.82
N GLU A 193 8.62 11.07 -7.66
CA GLU A 193 7.88 10.83 -6.43
C GLU A 193 6.99 12.01 -6.05
N SER A 194 7.45 13.21 -6.40
CA SER A 194 6.67 14.41 -6.15
C SER A 194 5.63 14.64 -7.27
N ASP A 195 6.05 14.51 -8.54
CA ASP A 195 5.08 14.63 -9.64
C ASP A 195 3.89 13.71 -9.37
N THR A 196 4.17 12.49 -8.91
CA THR A 196 3.14 11.53 -8.52
C THR A 196 2.03 12.19 -7.66
N ARG A 197 2.43 13.02 -6.68
CA ARG A 197 1.49 13.73 -5.83
C ARG A 197 0.70 14.75 -6.60
N VAL A 198 1.39 15.73 -7.16
CA VAL A 198 0.73 16.77 -7.97
C VAL A 198 -0.16 16.19 -9.11
N LEU A 199 0.26 15.09 -9.72
CA LEU A 199 -0.57 14.50 -10.74
C LEU A 199 -1.77 13.92 -10.07
N ALA A 200 -1.55 13.25 -8.94
CA ALA A 200 -2.65 12.66 -8.16
C ALA A 200 -3.74 13.67 -7.87
N TYR A 201 -3.35 14.91 -7.60
CA TYR A 201 -4.31 15.97 -7.39
C TYR A 201 -5.04 16.40 -8.69
N HIS A 202 -4.30 16.73 -9.76
CA HIS A 202 -4.93 17.14 -11.03
C HIS A 202 -5.75 15.97 -11.56
N LEU A 203 -5.13 14.81 -11.69
CA LEU A 203 -5.83 13.62 -12.18
C LEU A 203 -7.00 13.19 -11.28
N GLY A 204 -6.88 13.46 -9.98
CA GLY A 204 -7.88 13.04 -9.03
C GLY A 204 -9.09 13.92 -9.11
N ARG A 205 -8.86 15.23 -9.09
CA ARG A 205 -9.94 16.19 -9.15
C ARG A 205 -10.65 16.23 -10.51
N ASN A 206 -9.91 16.37 -11.60
CA ASN A 206 -10.50 16.37 -12.95
C ASN A 206 -11.11 15.03 -13.37
N TYR A 207 -10.29 14.05 -13.70
CA TYR A 207 -10.80 12.81 -14.30
C TYR A 207 -11.19 11.66 -13.35
N ASN A 208 -11.05 11.89 -12.05
CA ASN A 208 -11.23 10.85 -11.04
C ASN A 208 -10.30 9.63 -11.25
N ILE A 209 -9.08 9.90 -11.67
CA ILE A 209 -8.11 8.84 -11.86
C ILE A 209 -7.15 8.85 -10.69
N ARG A 210 -6.65 7.68 -10.30
CA ARG A 210 -5.66 7.60 -9.23
C ARG A 210 -4.28 7.38 -9.79
N ILE A 211 -3.26 7.92 -9.14
CA ILE A 211 -1.89 7.64 -9.54
C ILE A 211 -1.01 7.40 -8.31
N ASN A 212 -0.21 6.33 -8.33
CA ASN A 212 0.70 6.00 -7.22
C ASN A 212 2.10 5.56 -7.68
N THR A 213 2.98 5.33 -6.72
CA THR A 213 4.32 4.91 -7.08
C THR A 213 4.86 3.84 -6.15
N ILE A 214 5.64 2.93 -6.70
CA ILE A 214 6.06 1.81 -5.91
C ILE A 214 7.56 1.91 -5.72
N SER A 215 7.97 2.00 -4.46
CA SER A 215 9.39 2.10 -4.16
C SER A 215 9.89 0.70 -3.98
N ALA A 216 10.77 0.27 -4.89
CA ALA A 216 11.16 -1.15 -5.05
C ALA A 216 12.52 -1.47 -4.46
N GLY A 217 12.65 -2.68 -3.89
CA GLY A 217 13.95 -3.18 -3.47
C GLY A 217 14.79 -3.50 -4.70
N PRO A 218 16.01 -4.04 -4.50
CA PRO A 218 16.86 -4.25 -5.68
C PRO A 218 16.57 -5.59 -6.33
N LEU A 219 16.56 -5.59 -7.65
CA LEU A 219 16.32 -6.82 -8.41
C LEU A 219 17.39 -6.88 -9.48
N LYS A 220 17.93 -8.07 -9.70
CA LYS A 220 19.01 -8.22 -10.68
C LYS A 220 18.45 -8.24 -12.10
N SER A 221 17.77 -7.16 -12.48
CA SER A 221 17.25 -6.99 -13.86
C SER A 221 18.38 -6.73 -14.83
N ARG A 222 18.07 -6.83 -16.12
CA ARG A 222 19.04 -6.52 -17.18
C ARG A 222 19.62 -5.09 -17.02
N ALA A 223 18.79 -4.14 -16.60
CA ALA A 223 19.22 -2.74 -16.49
C ALA A 223 20.08 -2.44 -15.26
N ALA A 224 19.82 -3.14 -14.16
CA ALA A 224 20.55 -2.95 -12.91
C ALA A 224 21.99 -3.45 -13.05
N THR A 225 22.13 -4.55 -13.81
CA THR A 225 23.40 -5.14 -14.23
C THR A 225 24.28 -4.15 -15.02
N ALA A 226 23.62 -3.25 -15.74
CA ALA A 226 24.29 -2.19 -16.50
C ALA A 226 24.90 -1.11 -15.59
N ILE A 227 24.25 -0.80 -14.47
CA ILE A 227 24.75 0.24 -13.52
C ILE A 227 26.24 0.10 -13.19
N ASN A 228 26.59 -0.90 -12.35
CA ASN A 228 27.95 -1.09 -11.79
C ASN A 228 28.84 0.13 -11.64
N TYR A 270 31.92 -4.79 -8.17
CA TYR A 270 31.31 -6.00 -8.80
C TYR A 270 29.79 -5.83 -9.01
N THR A 271 29.43 -4.88 -9.87
CA THR A 271 28.07 -4.35 -10.03
C THR A 271 27.44 -3.96 -8.70
N PHE A 272 27.01 -2.71 -8.62
CA PHE A 272 26.42 -2.18 -7.39
C PHE A 272 25.08 -2.84 -7.05
N ILE A 273 24.49 -3.50 -8.03
CA ILE A 273 23.23 -4.20 -7.86
C ILE A 273 23.45 -5.48 -7.08
N ASP A 274 24.57 -6.15 -7.34
CA ASP A 274 24.94 -7.33 -6.54
C ASP A 274 25.13 -6.93 -5.08
N TYR A 275 25.78 -5.77 -4.86
CA TYR A 275 25.94 -5.25 -3.51
C TYR A 275 24.61 -4.81 -2.89
N ALA A 276 23.73 -4.18 -3.67
CA ALA A 276 22.44 -3.71 -3.13
C ALA A 276 21.61 -4.89 -2.64
N ILE A 277 21.57 -5.95 -3.45
CA ILE A 277 20.88 -7.20 -3.08
C ILE A 277 21.50 -7.90 -1.86
N GLU A 278 22.84 -7.91 -1.81
CA GLU A 278 23.62 -8.48 -0.72
C GLU A 278 23.24 -7.87 0.62
N TYR A 279 23.35 -6.55 0.69
CA TYR A 279 22.96 -5.79 1.85
C TYR A 279 21.51 -6.08 2.15
N SER A 280 20.62 -5.86 1.18
CA SER A 280 19.17 -6.03 1.38
C SER A 280 18.79 -7.37 1.99
N GLU A 281 19.30 -8.46 1.41
CA GLU A 281 19.01 -9.81 1.91
C GLU A 281 19.69 -10.12 3.23
N LYS A 282 20.77 -9.41 3.52
CA LYS A 282 21.50 -9.46 4.81
C LYS A 282 20.78 -8.74 5.95
N TYR A 283 20.09 -7.65 5.63
CA TYR A 283 19.69 -6.66 6.62
C TYR A 283 18.22 -6.28 6.66
N ALA A 284 17.51 -6.38 5.52
CA ALA A 284 16.10 -6.09 5.48
C ALA A 284 15.37 -6.93 6.51
N PRO A 285 14.36 -6.36 7.20
CA PRO A 285 13.55 -7.06 8.19
C PRO A 285 12.97 -8.36 7.66
N LEU A 286 12.59 -8.36 6.39
CA LEU A 286 12.19 -9.59 5.71
C LEU A 286 13.36 -10.26 5.00
N ARG A 287 13.76 -11.37 5.62
CA ARG A 287 14.97 -12.11 5.28
C ARG A 287 14.90 -12.86 3.96
N GLN A 288 13.73 -12.87 3.32
CA GLN A 288 13.61 -13.54 2.02
C GLN A 288 14.21 -12.78 0.85
N LYS A 289 14.09 -13.40 -0.33
CA LYS A 289 14.58 -12.87 -1.59
C LYS A 289 13.41 -12.21 -2.30
N LEU A 290 13.59 -10.93 -2.61
CA LEU A 290 12.57 -10.13 -3.27
C LEU A 290 12.41 -10.55 -4.71
N LEU A 291 11.19 -10.86 -5.12
CA LEU A 291 10.98 -11.28 -6.49
C LEU A 291 10.28 -10.20 -7.30
N SER A 292 10.45 -10.18 -8.62
CA SER A 292 9.79 -9.18 -9.44
C SER A 292 8.26 -9.25 -9.29
N THR A 293 7.74 -10.40 -8.93
CA THR A 293 6.29 -10.50 -8.71
C THR A 293 5.90 -10.00 -7.30
N ASP A 294 6.85 -10.01 -6.37
CA ASP A 294 6.59 -9.39 -5.08
C ASP A 294 6.13 -7.98 -5.37
N ILE A 295 6.74 -7.34 -6.35
CA ILE A 295 6.28 -6.02 -6.81
C ILE A 295 4.98 -6.14 -7.62
N GLY A 296 4.93 -7.13 -8.51
CA GLY A 296 3.78 -7.35 -9.37
C GLY A 296 2.48 -7.40 -8.59
N SER A 297 2.48 -8.09 -7.45
CA SER A 297 1.22 -8.23 -6.73
C SER A 297 0.79 -6.87 -6.22
N VAL A 298 1.66 -6.19 -5.49
CA VAL A 298 1.30 -4.88 -4.97
C VAL A 298 0.77 -3.93 -6.07
N ALA A 299 1.37 -4.03 -7.26
CA ALA A 299 0.98 -3.22 -8.42
C ALA A 299 -0.43 -3.56 -8.91
N SER A 300 -0.68 -4.86 -9.07
CA SER A 300 -1.98 -5.35 -9.42
C SER A 300 -3.03 -4.83 -8.43
N PHE A 301 -2.68 -4.79 -7.15
CA PHE A 301 -3.55 -4.27 -6.10
C PHE A 301 -3.84 -2.79 -6.32
N LEU A 302 -2.76 -2.05 -6.57
CA LEU A 302 -2.83 -0.60 -6.78
C LEU A 302 -3.56 -0.27 -8.05
N LEU A 303 -3.45 -1.11 -9.08
CA LEU A 303 -4.22 -0.89 -10.32
C LEU A 303 -5.70 -1.35 -10.21
N SER A 304 -6.10 -1.89 -9.07
CA SER A 304 -7.45 -2.41 -8.93
C SER A 304 -8.33 -1.45 -8.16
N ARG A 305 -9.63 -1.74 -8.16
CA ARG A 305 -10.59 -0.89 -7.47
C ARG A 305 -10.44 -1.06 -5.97
N GLU A 306 -9.77 -2.14 -5.58
CA GLU A 306 -9.62 -2.54 -4.17
C GLU A 306 -8.80 -1.55 -3.38
N SER A 307 -8.41 -0.48 -4.06
CA SER A 307 -7.50 0.52 -3.53
C SER A 307 -7.97 1.93 -3.92
N ARG A 308 -9.28 2.06 -4.16
CA ARG A 308 -9.90 3.31 -4.60
C ARG A 308 -9.64 4.54 -3.69
N ALA A 309 -9.25 4.30 -2.44
CA ALA A 309 -8.97 5.41 -1.53
C ALA A 309 -7.49 5.81 -1.46
N ILE A 310 -6.64 5.16 -2.25
CA ILE A 310 -5.20 5.45 -2.20
C ILE A 310 -4.71 6.19 -3.43
N THR A 311 -4.16 7.38 -3.22
CA THR A 311 -3.53 8.13 -4.31
C THR A 311 -2.38 9.04 -3.84
N GLY A 312 -1.50 9.37 -4.77
CA GLY A 312 -0.35 10.24 -4.52
C GLY A 312 0.67 9.66 -3.58
N GLN A 313 0.66 8.34 -3.45
CA GLN A 313 1.48 7.62 -2.48
C GLN A 313 2.72 7.00 -3.08
N THR A 314 3.85 7.23 -2.42
CA THR A 314 5.03 6.41 -2.59
C THR A 314 4.77 5.19 -1.67
N ILE A 315 4.63 4.01 -2.26
CA ILE A 315 4.43 2.78 -1.50
C ILE A 315 5.68 1.91 -1.55
N TYR A 316 6.24 1.60 -0.39
CA TYR A 316 7.53 0.88 -0.33
C TYR A 316 7.35 -0.65 -0.38
N VAL A 317 7.84 -1.27 -1.45
CA VAL A 317 7.76 -2.74 -1.58
C VAL A 317 9.20 -3.18 -1.68
N ASP A 318 9.85 -3.37 -0.54
CA ASP A 318 11.30 -3.52 -0.50
C ASP A 318 11.76 -4.38 0.65
N ASN A 319 10.92 -5.34 1.05
CA ASN A 319 11.19 -6.23 2.21
C ASN A 319 11.44 -5.52 3.54
N GLY A 320 11.19 -4.21 3.52
CA GLY A 320 11.17 -3.40 4.71
C GLY A 320 12.48 -2.67 4.96
N LEU A 321 13.43 -2.80 4.04
CA LEU A 321 14.75 -2.19 4.22
C LEU A 321 14.63 -0.67 4.52
N ASN A 322 13.70 0.01 3.82
CA ASN A 322 13.52 1.45 3.96
C ASN A 322 13.46 1.97 5.40
N ILE A 323 13.13 1.09 6.36
CA ILE A 323 12.84 1.53 7.74
C ILE A 323 14.05 1.39 8.67
N MET A 324 15.19 0.97 8.13
CA MET A 324 16.34 0.72 8.95
C MET A 324 17.31 1.90 8.99
N PHE A 325 17.87 2.18 10.15
CA PHE A 325 18.96 3.14 10.25
C PHE A 325 20.26 2.39 10.26
N LEU A 326 20.58 1.83 11.43
CA LEU A 326 21.86 1.16 11.61
C LEU A 326 21.75 -0.33 11.33
N PRO A 327 22.74 -0.90 10.61
CA PRO A 327 23.01 -2.35 10.54
C PRO A 327 23.05 -3.05 11.91
N ASP A 328 22.83 -4.37 11.90
CA ASP A 328 22.92 -5.22 13.09
C ASP A 328 24.35 -5.53 13.49
N ASP A 329 25.27 -5.24 12.56
CA ASP A 329 26.70 -5.55 12.62
C ASP A 329 27.27 -5.19 11.25
N GLU B 1 -7.74 -21.55 4.01
CA GLU B 1 -8.73 -21.20 5.06
C GLU B 1 -8.03 -20.43 6.22
N ASP B 2 -8.15 -19.10 6.22
CA ASP B 2 -7.45 -18.24 7.19
C ASP B 2 -8.35 -17.75 8.28
N ILE B 3 -7.75 -17.53 9.45
CA ILE B 3 -8.45 -16.94 10.60
C ILE B 3 -7.81 -15.62 11.03
N CYS B 4 -8.67 -14.65 11.33
CA CYS B 4 -8.26 -13.34 11.77
C CYS B 4 -8.97 -12.89 13.03
N PHE B 5 -8.22 -12.21 13.90
CA PHE B 5 -8.74 -11.65 15.14
C PHE B 5 -8.76 -10.16 14.99
N ILE B 6 -9.95 -9.58 15.12
CA ILE B 6 -10.12 -8.13 15.07
C ILE B 6 -10.32 -7.66 16.48
N ALA B 7 -9.38 -6.86 16.96
CA ALA B 7 -9.41 -6.33 18.30
C ALA B 7 -10.06 -4.96 18.26
N GLY B 8 -11.31 -4.88 18.71
CA GLY B 8 -11.96 -3.59 18.91
C GLY B 8 -13.08 -3.32 17.94
N ILE B 9 -14.18 -4.03 18.13
CA ILE B 9 -15.44 -3.68 17.51
C ILE B 9 -16.41 -3.40 18.63
N GLY B 10 -17.23 -2.37 18.43
CA GLY B 10 -18.31 -2.05 19.35
C GLY B 10 -19.63 -2.06 18.62
N ASP B 11 -19.60 -1.83 17.32
CA ASP B 11 -20.79 -1.72 16.49
C ASP B 11 -20.38 -1.82 15.03
N THR B 12 -21.37 -1.80 14.12
CA THR B 12 -21.12 -1.97 12.69
C THR B 12 -20.76 -0.68 11.95
N ASN B 13 -20.49 0.38 12.70
CA ASN B 13 -20.26 1.72 12.16
C ASN B 13 -18.82 2.13 12.08
N GLY B 14 -17.91 1.25 12.51
CA GLY B 14 -16.48 1.52 12.50
C GLY B 14 -15.67 0.90 11.36
N TYR B 15 -14.35 1.11 11.43
CA TYR B 15 -13.40 0.53 10.49
C TYR B 15 -13.22 -0.96 10.73
N GLY B 16 -13.25 -1.36 12.00
CA GLY B 16 -13.22 -2.77 12.36
C GLY B 16 -14.22 -3.56 11.56
N TRP B 17 -15.49 -3.17 11.67
CA TRP B 17 -16.56 -3.81 10.93
C TRP B 17 -16.27 -3.79 9.43
N GLY B 18 -15.90 -2.63 8.91
CA GLY B 18 -15.48 -2.51 7.52
C GLY B 18 -14.43 -3.54 7.16
N ILE B 19 -13.48 -3.78 8.08
CA ILE B 19 -12.40 -4.72 7.82
C ILE B 19 -12.93 -6.17 7.90
N ALA B 20 -13.84 -6.39 8.85
CA ALA B 20 -14.54 -7.64 8.97
C ALA B 20 -15.23 -8.01 7.64
N LYS B 21 -15.93 -7.06 7.02
CA LYS B 21 -16.69 -7.35 5.82
C LYS B 21 -15.80 -7.78 4.70
N GLU B 22 -14.82 -6.93 4.39
CA GLU B 22 -13.90 -7.17 3.27
C GLU B 22 -13.10 -8.45 3.42
N LEU B 23 -12.61 -8.74 4.63
CA LEU B 23 -12.02 -10.04 4.87
C LEU B 23 -13.01 -11.16 4.48
N SER B 24 -14.19 -11.19 5.11
CA SER B 24 -15.24 -12.16 4.77
C SER B 24 -15.34 -12.42 3.27
N LYS B 25 -15.43 -11.34 2.47
CA LYS B 25 -15.43 -11.46 1.00
C LYS B 25 -14.31 -12.39 0.49
N ARG B 26 -13.10 -12.30 1.07
CA ARG B 26 -11.96 -13.14 0.69
C ARG B 26 -12.03 -14.50 1.42
N ASN B 27 -13.14 -14.71 2.12
CA ASN B 27 -13.46 -15.97 2.81
C ASN B 27 -12.67 -16.31 4.05
N VAL B 28 -12.02 -15.32 4.65
CA VAL B 28 -11.34 -15.52 5.93
C VAL B 28 -12.31 -15.47 7.14
N LYS B 29 -11.99 -16.29 8.15
CA LYS B 29 -12.84 -16.51 9.31
C LYS B 29 -12.52 -15.53 10.43
N ILE B 30 -13.60 -14.94 10.95
CA ILE B 30 -13.58 -13.75 11.81
C ILE B 30 -13.72 -14.00 13.32
N ILE B 31 -12.67 -13.73 14.10
CA ILE B 31 -12.84 -13.68 15.55
C ILE B 31 -12.82 -12.23 16.04
N PHE B 32 -13.95 -11.80 16.63
CA PHE B 32 -14.12 -10.45 17.17
C PHE B 32 -13.77 -10.38 18.64
N GLY B 33 -12.95 -9.40 19.00
CA GLY B 33 -12.58 -9.14 20.39
C GLY B 33 -13.26 -7.87 20.82
N ILE B 34 -14.09 -7.96 21.85
CA ILE B 34 -14.99 -6.86 22.23
C ILE B 34 -14.73 -6.31 23.65
N TRP B 35 -14.67 -4.97 23.72
CA TRP B 35 -14.50 -4.26 24.99
C TRP B 35 -15.69 -4.51 25.93
N PRO B 36 -15.43 -5.09 27.11
CA PRO B 36 -16.44 -5.45 28.08
C PRO B 36 -17.46 -4.35 28.36
N PRO B 37 -17.03 -3.10 28.60
CA PRO B 37 -18.15 -2.16 28.66
C PRO B 37 -19.31 -2.50 27.70
N VAL B 38 -19.05 -2.65 26.38
CA VAL B 38 -20.13 -2.85 25.37
C VAL B 38 -20.38 -4.26 24.89
N TYR B 39 -19.80 -5.25 25.56
CA TYR B 39 -19.92 -6.66 25.16
C TYR B 39 -21.35 -7.17 25.14
N ASN B 40 -22.03 -7.01 26.27
CA ASN B 40 -23.39 -7.49 26.43
C ASN B 40 -24.37 -6.84 25.47
N ILE B 41 -24.28 -5.53 25.29
CA ILE B 41 -25.12 -4.89 24.27
C ILE B 41 -24.85 -5.49 22.87
N PHE B 42 -23.63 -5.35 22.34
CA PHE B 42 -23.24 -5.97 21.05
C PHE B 42 -23.82 -7.36 20.86
N MET B 43 -23.60 -8.25 21.84
CA MET B 43 -24.10 -9.63 21.82
C MET B 43 -25.62 -9.71 21.73
N LYS B 44 -26.30 -9.04 22.66
CA LYS B 44 -27.78 -8.91 22.62
C LYS B 44 -28.28 -8.38 21.27
N ASN B 45 -27.72 -7.24 20.84
CA ASN B 45 -28.00 -6.64 19.53
C ASN B 45 -27.84 -7.60 18.35
N TYR B 46 -26.79 -8.40 18.39
CA TYR B 46 -26.46 -9.32 17.31
C TYR B 46 -27.52 -10.40 17.18
N LYS B 47 -27.83 -11.03 18.31
CA LYS B 47 -28.90 -12.02 18.45
C LYS B 47 -30.25 -11.51 17.90
N ASN B 48 -30.60 -10.28 18.21
CA ASN B 48 -31.88 -9.74 17.76
C ASN B 48 -31.95 -9.33 16.28
N GLY B 49 -30.98 -9.78 15.48
CA GLY B 49 -30.96 -9.48 14.06
C GLY B 49 -30.47 -8.10 13.63
N LYS B 50 -30.33 -7.17 14.58
CA LYS B 50 -29.99 -5.77 14.27
C LYS B 50 -28.81 -5.58 13.31
N PHE B 51 -27.91 -6.56 13.24
CA PHE B 51 -26.72 -6.44 12.39
C PHE B 51 -26.88 -7.18 11.08
N ASP B 52 -28.08 -7.75 10.88
CA ASP B 52 -28.31 -8.66 9.75
C ASP B 52 -28.30 -7.95 8.41
N ASN B 53 -28.98 -6.81 8.36
CA ASN B 53 -28.85 -5.94 7.21
C ASN B 53 -27.35 -5.62 6.96
N ASP B 54 -26.67 -5.16 8.02
CA ASP B 54 -25.24 -4.81 7.98
C ASP B 54 -24.26 -5.97 7.65
N MET B 55 -24.71 -7.21 7.77
CA MET B 55 -23.85 -8.36 7.45
C MET B 55 -23.98 -8.83 6.01
N ILE B 56 -24.83 -8.16 5.25
CA ILE B 56 -24.92 -8.35 3.80
C ILE B 56 -23.58 -8.05 3.14
N ILE B 57 -23.10 -9.04 2.39
CA ILE B 57 -22.01 -8.81 1.45
C ILE B 57 -22.61 -8.80 0.04
N ASP B 58 -22.03 -7.94 -0.81
CA ASP B 58 -22.43 -7.77 -2.22
C ASP B 58 -22.80 -9.07 -2.95
N LYS B 59 -21.82 -9.96 -3.15
CA LYS B 59 -22.04 -11.25 -3.84
C LYS B 59 -22.75 -12.27 -2.92
N ASP B 60 -23.96 -11.93 -2.47
CA ASP B 60 -24.84 -12.83 -1.67
C ASP B 60 -24.11 -13.68 -0.64
N LYS B 61 -23.15 -13.05 0.04
CA LYS B 61 -22.49 -13.67 1.19
C LYS B 61 -23.06 -13.09 2.49
N LYS B 62 -22.80 -13.78 3.59
CA LYS B 62 -23.27 -13.36 4.89
C LYS B 62 -22.08 -12.67 5.57
N MET B 63 -21.49 -13.36 6.54
CA MET B 63 -20.24 -12.98 7.20
C MET B 63 -19.87 -14.19 8.02
N ASN B 64 -18.62 -14.63 7.91
CA ASN B 64 -18.18 -15.74 8.71
C ASN B 64 -17.62 -15.29 10.06
N ILE B 65 -18.53 -14.91 10.96
CA ILE B 65 -18.11 -14.65 12.32
C ILE B 65 -17.91 -15.97 13.05
N LEU B 66 -16.66 -16.31 13.32
CA LEU B 66 -16.31 -17.58 13.93
C LEU B 66 -16.55 -17.56 15.44
N ASP B 67 -16.61 -16.35 16.00
CA ASP B 67 -16.61 -16.14 17.45
C ASP B 67 -16.68 -14.66 17.77
N MET B 68 -17.19 -14.34 18.95
CA MET B 68 -17.26 -12.98 19.49
C MET B 68 -16.86 -13.04 20.96
N LEU B 69 -15.67 -12.54 21.27
CA LEU B 69 -15.10 -12.73 22.60
C LEU B 69 -15.02 -11.41 23.36
N PRO B 70 -15.24 -11.44 24.69
CA PRO B 70 -14.93 -10.25 25.46
C PRO B 70 -13.40 -10.10 25.51
N PHE B 71 -12.94 -8.86 25.43
CA PHE B 71 -11.53 -8.56 25.31
C PHE B 71 -11.24 -7.12 25.78
N ASP B 72 -10.20 -6.93 26.61
CA ASP B 72 -9.78 -5.58 27.04
C ASP B 72 -8.28 -5.33 26.96
N ALA B 73 -7.91 -4.40 26.08
CA ALA B 73 -6.52 -4.14 25.70
C ALA B 73 -5.61 -3.48 26.77
N SER B 74 -6.16 -3.15 27.94
CA SER B 74 -5.39 -2.55 29.04
C SER B 74 -4.70 -3.62 29.89
N PHE B 75 -5.21 -4.83 29.81
CA PHE B 75 -4.71 -5.91 30.63
C PHE B 75 -3.94 -6.93 29.81
N ASP B 76 -2.66 -7.08 30.14
CA ASP B 76 -1.79 -8.00 29.42
C ASP B 76 -2.05 -9.44 29.88
N THR B 77 -1.89 -9.69 31.18
CA THR B 77 -2.16 -11.00 31.78
C THR B 77 -3.20 -10.86 32.88
N ALA B 78 -3.64 -11.98 33.45
CA ALA B 78 -4.62 -11.97 34.54
C ALA B 78 -4.15 -11.29 35.83
N ASN B 79 -2.86 -11.39 36.15
CA ASN B 79 -2.35 -10.71 37.34
C ASN B 79 -2.29 -9.19 37.15
N ASP B 80 -2.89 -8.68 36.07
CA ASP B 80 -2.95 -7.24 35.83
C ASP B 80 -4.30 -6.67 36.30
N ILE B 81 -5.39 -7.20 35.75
CA ILE B 81 -6.74 -6.93 36.27
C ILE B 81 -6.68 -6.64 37.75
N ASP B 82 -6.93 -5.39 38.12
CA ASP B 82 -6.99 -4.98 39.54
C ASP B 82 -8.29 -5.46 40.17
N GLU B 83 -8.32 -5.51 41.50
CA GLU B 83 -9.49 -6.01 42.18
C GLU B 83 -10.78 -5.26 41.82
N GLU B 84 -10.67 -3.96 41.56
CA GLU B 84 -11.85 -3.18 41.20
C GLU B 84 -12.40 -3.60 39.85
N THR B 85 -11.61 -3.52 38.78
CA THR B 85 -12.07 -4.00 37.46
C THR B 85 -12.63 -5.41 37.56
N LYS B 86 -11.89 -6.30 38.23
CA LYS B 86 -12.27 -7.70 38.45
C LYS B 86 -13.75 -7.83 38.89
N ASN B 87 -14.18 -6.89 39.75
CA ASN B 87 -15.48 -6.94 40.41
C ASN B 87 -16.56 -6.09 39.80
N ASN B 88 -16.18 -5.13 38.97
CA ASN B 88 -17.14 -4.30 38.25
C ASN B 88 -18.34 -5.05 37.63
N LYS B 89 -19.54 -4.48 37.78
CA LYS B 89 -20.74 -4.97 37.12
C LYS B 89 -20.46 -5.61 35.75
N ARG B 90 -19.89 -4.86 34.81
CA ARG B 90 -19.61 -5.38 33.45
C ARG B 90 -18.59 -6.53 33.42
N TYR B 91 -17.49 -6.39 34.17
CA TYR B 91 -16.35 -7.32 34.11
C TYR B 91 -16.44 -8.62 34.93
N ASN B 92 -17.35 -8.64 35.91
CA ASN B 92 -17.46 -9.74 36.88
C ASN B 92 -18.00 -11.04 36.30
N MET B 93 -18.90 -10.90 35.35
CA MET B 93 -19.57 -12.02 34.72
C MET B 93 -18.79 -12.62 33.52
N LEU B 94 -17.65 -12.02 33.16
CA LEU B 94 -16.91 -12.41 31.98
C LEU B 94 -15.56 -12.96 32.41
N GLN B 95 -14.90 -13.69 31.51
CA GLN B 95 -13.61 -14.34 31.81
C GLN B 95 -12.65 -14.18 30.65
N ASN B 96 -11.43 -14.72 30.81
CA ASN B 96 -10.38 -14.80 29.76
C ASN B 96 -10.38 -13.66 28.74
N TYR B 97 -10.13 -12.45 29.23
CA TYR B 97 -10.32 -11.24 28.41
C TYR B 97 -9.11 -10.32 28.33
N THR B 98 -8.07 -10.68 29.09
CA THR B 98 -6.77 -10.06 28.95
C THR B 98 -6.20 -10.50 27.61
N ILE B 99 -5.21 -9.75 27.12
CA ILE B 99 -4.47 -10.06 25.89
C ILE B 99 -3.92 -11.51 25.86
N GLU B 100 -3.25 -11.95 26.94
CA GLU B 100 -2.74 -13.31 27.04
C GLU B 100 -3.88 -14.34 27.05
N ASP B 101 -4.91 -14.10 27.86
CA ASP B 101 -6.04 -15.03 28.01
C ASP B 101 -6.81 -15.29 26.70
N VAL B 102 -7.08 -14.24 25.89
CA VAL B 102 -7.73 -14.47 24.59
C VAL B 102 -6.76 -15.10 23.59
N ALA B 103 -5.48 -14.72 23.66
CA ALA B 103 -4.46 -15.38 22.85
C ALA B 103 -4.48 -16.88 23.15
N ASN B 104 -4.74 -17.23 24.42
CA ASN B 104 -4.89 -18.65 24.77
C ASN B 104 -6.20 -19.28 24.36
N LEU B 105 -7.28 -18.56 24.64
CA LEU B 105 -8.61 -19.04 24.35
C LEU B 105 -8.70 -19.36 22.85
N ILE B 106 -8.42 -18.38 22.00
CA ILE B 106 -8.40 -18.56 20.55
C ILE B 106 -7.55 -19.74 20.07
N HIS B 107 -6.35 -19.88 20.63
CA HIS B 107 -5.48 -21.00 20.32
C HIS B 107 -6.10 -22.36 20.64
N GLN B 108 -6.67 -22.51 21.83
CA GLN B 108 -7.36 -23.74 22.20
C GLN B 108 -8.54 -24.05 21.28
N LYS B 109 -9.34 -23.06 20.96
CA LYS B 109 -10.50 -23.30 20.13
C LYS B 109 -10.17 -23.47 18.66
N TYR B 110 -9.17 -22.77 18.11
CA TYR B 110 -9.04 -22.80 16.66
C TYR B 110 -7.65 -22.99 16.12
N GLY B 111 -6.69 -23.22 17.01
CA GLY B 111 -5.30 -23.37 16.59
C GLY B 111 -4.67 -22.06 16.17
N LYS B 112 -3.44 -22.14 15.66
CA LYS B 112 -2.72 -20.96 15.23
C LYS B 112 -3.51 -20.19 14.18
N ILE B 113 -3.55 -18.87 14.32
CA ILE B 113 -4.19 -18.00 13.32
C ILE B 113 -3.11 -17.27 12.48
N ASN B 114 -3.53 -16.61 11.41
CA ASN B 114 -2.55 -16.00 10.55
C ASN B 114 -2.74 -14.50 10.35
N MET B 115 -3.93 -13.98 10.65
CA MET B 115 -4.17 -12.55 10.54
C MET B 115 -4.57 -11.88 11.87
N LEU B 116 -4.08 -10.65 12.10
CA LEU B 116 -4.35 -9.89 13.34
C LEU B 116 -4.60 -8.40 13.14
N VAL B 117 -5.78 -7.93 13.53
CA VAL B 117 -6.16 -6.54 13.28
C VAL B 117 -6.25 -5.82 14.61
N HIS B 118 -5.62 -4.64 14.68
CA HIS B 118 -5.69 -3.73 15.84
C HIS B 118 -6.47 -2.45 15.50
N SER B 119 -7.79 -2.47 15.76
CA SER B 119 -8.59 -1.27 15.52
C SER B 119 -9.18 -0.56 16.75
N LEU B 120 -8.38 -0.42 17.81
CA LEU B 120 -8.79 0.35 18.97
C LEU B 120 -7.84 1.53 19.29
N ALA B 121 -8.42 2.59 19.82
CA ALA B 121 -7.69 3.73 20.34
C ALA B 121 -8.55 4.22 21.50
N ASN B 122 -7.92 4.72 22.55
CA ASN B 122 -8.65 5.39 23.63
C ASN B 122 -7.81 6.41 24.34
N ALA B 123 -8.41 7.51 24.79
CA ALA B 123 -7.67 8.53 25.53
C ALA B 123 -8.56 9.36 26.49
N LYS B 124 -8.42 9.12 27.81
CA LYS B 124 -9.16 9.87 28.85
C LYS B 124 -9.46 11.34 28.52
N GLU B 125 -8.41 12.14 28.32
CA GLU B 125 -8.53 13.60 28.15
C GLU B 125 -8.53 14.06 26.68
N VAL B 126 -9.03 13.22 25.77
CA VAL B 126 -9.07 13.53 24.33
C VAL B 126 -9.62 14.93 24.02
N GLN B 127 -10.52 15.40 24.86
CA GLN B 127 -11.18 16.68 24.68
C GLN B 127 -10.31 17.86 25.10
N LYS B 128 -9.27 17.58 25.88
CA LYS B 128 -8.29 18.60 26.28
C LYS B 128 -7.14 18.58 25.30
N ASP B 129 -6.51 19.71 25.08
CA ASP B 129 -5.43 19.72 24.13
C ASP B 129 -4.11 19.33 24.79
N LEU B 130 -3.09 19.08 23.97
CA LEU B 130 -1.83 18.52 24.44
C LEU B 130 -1.27 19.24 25.68
N LEU B 131 -0.98 20.53 25.55
CA LEU B 131 -0.62 21.39 26.69
C LEU B 131 -1.39 21.17 28.00
N ASN B 132 -2.70 20.97 27.90
CA ASN B 132 -3.54 20.77 29.08
C ASN B 132 -3.86 19.32 29.44
N THR B 133 -3.14 18.40 28.81
CA THR B 133 -3.28 17.01 29.17
C THR B 133 -2.40 16.75 30.38
N SER B 134 -2.98 16.03 31.33
CA SER B 134 -2.30 15.60 32.54
C SER B 134 -1.39 14.42 32.21
N ARG B 135 -0.46 14.12 33.12
CA ARG B 135 0.47 13.01 32.91
C ARG B 135 -0.29 11.72 32.89
N LYS B 136 -1.26 11.67 33.81
CA LYS B 136 -2.10 10.50 34.02
C LYS B 136 -2.87 10.24 32.72
N GLY B 137 -3.47 11.30 32.19
CA GLY B 137 -4.33 11.22 31.00
C GLY B 137 -3.54 10.75 29.80
N TYR B 138 -2.37 11.35 29.61
CA TYR B 138 -1.47 11.10 28.46
C TYR B 138 -0.94 9.68 28.46
N LEU B 139 -0.48 9.21 29.63
CA LEU B 139 0.09 7.88 29.73
C LEU B 139 -1.01 6.90 29.54
N ASP B 140 -2.21 7.30 29.95
CA ASP B 140 -3.37 6.47 29.69
C ASP B 140 -3.65 6.35 28.21
N ALA B 141 -3.66 7.48 27.51
CA ALA B 141 -3.76 7.51 26.05
C ALA B 141 -2.77 6.53 25.43
N LEU B 142 -1.49 6.69 25.77
CA LEU B 142 -0.48 5.82 25.22
C LEU B 142 -0.67 4.34 25.57
N SER B 143 -0.84 4.04 26.86
CA SER B 143 -1.19 2.68 27.31
C SER B 143 -2.24 1.97 26.42
N LYS B 144 -3.36 2.65 26.19
CA LYS B 144 -4.51 2.00 25.59
C LYS B 144 -4.35 1.96 24.08
N SER B 145 -3.95 3.08 23.53
CA SER B 145 -3.98 3.16 22.10
C SER B 145 -2.63 2.89 21.41
N SER B 146 -1.57 2.77 22.18
CA SER B 146 -0.28 2.50 21.59
C SER B 146 0.25 1.19 22.07
N TYR B 147 0.42 1.04 23.39
CA TYR B 147 1.10 -0.13 23.94
C TYR B 147 0.36 -1.45 23.65
N SER B 148 -0.97 -1.45 23.77
CA SER B 148 -1.77 -2.60 23.39
C SER B 148 -1.36 -3.24 22.07
N LEU B 149 -0.70 -2.51 21.19
CA LEU B 149 -0.24 -3.11 19.96
C LEU B 149 1.02 -3.98 20.17
N ILE B 150 2.04 -3.41 20.79
CA ILE B 150 3.19 -4.15 21.25
C ILE B 150 2.81 -5.39 22.09
N SER B 151 1.80 -5.25 22.96
CA SER B 151 1.39 -6.39 23.78
C SER B 151 0.58 -7.43 22.99
N LEU B 152 -0.38 -6.98 22.17
CA LEU B 152 -1.09 -7.89 21.27
C LEU B 152 -0.09 -8.73 20.52
N CYS B 153 1.02 -8.10 20.13
CA CYS B 153 2.04 -8.76 19.34
C CYS B 153 2.90 -9.71 20.14
N LYS B 154 3.28 -9.32 21.37
CA LYS B 154 4.10 -10.21 22.19
C LYS B 154 3.38 -11.54 22.35
N TYR B 155 2.12 -11.50 22.80
CA TYR B 155 1.30 -12.69 23.03
C TYR B 155 0.79 -13.43 21.77
N PHE B 156 0.26 -12.68 20.79
CA PHE B 156 -0.33 -13.31 19.62
C PHE B 156 0.66 -13.97 18.65
N VAL B 157 1.90 -13.49 18.62
CA VAL B 157 2.90 -14.04 17.73
C VAL B 157 2.99 -15.57 17.88
N ASN B 158 3.07 -16.06 19.12
CA ASN B 158 3.11 -17.50 19.41
C ASN B 158 1.86 -18.33 19.06
N ILE B 159 0.81 -17.69 18.59
CA ILE B 159 -0.34 -18.43 18.13
C ILE B 159 -0.59 -18.01 16.70
N MET B 160 0.49 -17.62 16.04
CA MET B 160 0.44 -17.23 14.63
C MET B 160 1.47 -17.98 13.78
N LYS B 161 1.04 -18.39 12.58
CA LYS B 161 1.92 -19.13 11.68
C LYS B 161 2.99 -18.18 11.11
N PRO B 162 4.08 -18.72 10.52
CA PRO B 162 4.99 -17.76 9.89
C PRO B 162 4.32 -17.28 8.62
N GLN B 163 4.78 -16.13 8.12
CA GLN B 163 4.19 -15.47 6.94
C GLN B 163 2.90 -14.72 7.24
N SER B 164 2.36 -14.93 8.43
CA SER B 164 1.27 -14.14 8.96
C SER B 164 1.55 -12.62 8.95
N SER B 165 0.48 -11.83 9.07
CA SER B 165 0.55 -10.36 8.96
C SER B 165 -0.30 -9.63 10.04
N ILE B 166 0.11 -8.44 10.44
CA ILE B 166 -0.57 -7.71 11.51
C ILE B 166 -0.74 -6.27 11.08
N ILE B 167 -1.95 -5.73 11.17
CA ILE B 167 -2.12 -4.32 10.88
C ILE B 167 -2.82 -3.62 12.05
N SER B 168 -2.59 -2.30 12.13
CA SER B 168 -3.21 -1.37 13.07
C SER B 168 -3.75 -0.15 12.31
N LEU B 169 -4.55 0.68 12.98
CA LEU B 169 -5.06 1.93 12.39
C LEU B 169 -4.50 3.19 13.06
N THR B 170 -4.06 4.13 12.24
CA THR B 170 -3.52 5.39 12.76
C THR B 170 -4.21 6.62 12.12
N TYR B 171 -3.92 7.81 12.65
CA TYR B 171 -4.40 9.05 12.08
C TYR B 171 -3.25 9.97 11.72
N HIS B 172 -3.46 10.74 10.66
CA HIS B 172 -2.44 11.62 10.13
C HIS B 172 -1.97 12.72 11.09
N ALA B 173 -2.70 12.90 12.19
CA ALA B 173 -2.38 13.93 13.17
C ALA B 173 -1.14 13.58 13.96
N SER B 174 -0.51 12.48 13.61
CA SER B 174 0.79 12.19 14.16
C SER B 174 1.90 12.93 13.41
N GLN B 175 1.66 13.26 12.15
CA GLN B 175 2.68 13.85 11.28
C GLN B 175 2.58 15.38 11.15
N LYS B 176 1.36 15.84 10.96
CA LYS B 176 1.04 17.27 10.82
C LYS B 176 -0.11 17.55 11.78
N VAL B 177 -0.16 18.73 12.37
CA VAL B 177 -1.06 18.94 13.51
C VAL B 177 -2.48 19.23 13.12
N VAL B 178 -3.41 18.44 13.68
CA VAL B 178 -4.82 18.79 13.61
C VAL B 178 -5.22 19.02 15.04
N PRO B 179 -5.54 20.28 15.36
CA PRO B 179 -5.87 20.61 16.75
C PRO B 179 -7.30 20.14 16.97
N GLY B 180 -7.59 19.72 18.20
CA GLY B 180 -8.86 19.07 18.49
C GLY B 180 -8.62 17.58 18.61
N TYR B 181 -7.46 17.14 18.12
CA TYR B 181 -7.02 15.79 18.33
C TYR B 181 -6.12 15.75 19.59
N GLY B 182 -6.77 15.78 20.76
CA GLY B 182 -6.02 15.90 21.99
C GLY B 182 -5.85 14.70 22.91
N GLY B 183 -5.58 15.01 24.16
CA GLY B 183 -5.42 14.00 25.19
C GLY B 183 -4.24 13.10 25.00
N GLY B 184 -3.37 13.44 24.05
CA GLY B 184 -2.20 12.65 23.70
C GLY B 184 -2.49 11.63 22.62
N MET B 185 -3.58 11.83 21.89
CA MET B 185 -3.97 10.91 20.83
C MET B 185 -3.01 11.04 19.68
N SER B 186 -2.54 12.25 19.44
CA SER B 186 -1.55 12.51 18.42
C SER B 186 -0.27 11.78 18.80
N SER B 187 0.05 11.88 20.09
CA SER B 187 1.25 11.31 20.64
C SER B 187 1.19 9.79 20.49
N ALA B 188 0.07 9.19 20.90
CA ALA B 188 -0.05 7.73 20.78
C ALA B 188 0.04 7.27 19.33
N LYS B 189 -0.60 8.03 18.42
CA LYS B 189 -0.54 7.71 17.00
C LYS B 189 0.89 7.77 16.46
N ALA B 190 1.60 8.84 16.77
CA ALA B 190 2.99 8.93 16.46
C ALA B 190 3.82 7.77 17.10
N ALA B 191 3.49 7.36 18.32
CA ALA B 191 4.23 6.24 18.92
C ALA B 191 3.97 4.99 18.09
N LEU B 192 2.70 4.67 17.92
CA LEU B 192 2.23 3.53 17.12
C LEU B 192 2.86 3.48 15.68
N GLU B 193 3.16 4.62 15.09
CA GLU B 193 3.76 4.58 13.75
C GLU B 193 5.24 4.31 13.80
N SER B 194 5.85 4.63 14.94
CA SER B 194 7.24 4.30 15.17
C SER B 194 7.35 2.84 15.65
N ASP B 195 6.55 2.49 16.66
CA ASP B 195 6.39 1.12 17.10
C ASP B 195 6.21 0.18 15.93
N THR B 196 5.50 0.64 14.92
CA THR B 196 5.16 -0.20 13.80
C THR B 196 6.43 -0.67 13.05
N ARG B 197 7.45 0.20 12.98
CA ARG B 197 8.70 -0.15 12.37
C ARG B 197 9.53 -1.08 13.27
N VAL B 198 9.91 -0.64 14.46
CA VAL B 198 10.66 -1.48 15.43
C VAL B 198 10.14 -2.93 15.53
N LEU B 199 8.82 -3.06 15.67
CA LEU B 199 8.14 -4.36 15.64
C LEU B 199 8.27 -5.11 14.29
N ALA B 200 8.28 -4.37 13.19
CA ALA B 200 8.45 -4.96 11.85
C ALA B 200 9.85 -5.56 11.69
N TYR B 201 10.80 -5.03 12.45
CA TYR B 201 12.15 -5.55 12.45
C TYR B 201 12.26 -6.79 13.33
N HIS B 202 11.74 -6.69 14.56
CA HIS B 202 11.74 -7.85 15.46
C HIS B 202 10.91 -9.02 14.91
N LEU B 203 9.65 -8.77 14.54
CA LEU B 203 8.77 -9.83 14.03
C LEU B 203 9.22 -10.36 12.68
N GLY B 204 9.69 -9.46 11.83
CA GLY B 204 10.29 -9.79 10.56
C GLY B 204 11.44 -10.74 10.71
N ARG B 205 12.49 -10.34 11.41
CA ARG B 205 13.67 -11.22 11.59
C ARG B 205 13.46 -12.50 12.40
N ASN B 206 12.55 -12.47 13.38
CA ASN B 206 12.40 -13.57 14.36
C ASN B 206 11.22 -14.50 14.15
N TYR B 207 10.24 -14.12 13.35
CA TYR B 207 9.05 -14.94 13.19
C TYR B 207 8.65 -14.98 11.74
N ASN B 208 9.39 -14.28 10.89
CA ASN B 208 8.98 -13.98 9.51
C ASN B 208 7.49 -13.51 9.44
N ILE B 209 7.12 -12.60 10.33
CA ILE B 209 5.77 -12.02 10.36
C ILE B 209 5.84 -10.53 10.01
N ARG B 210 4.84 -10.08 9.23
CA ARG B 210 4.77 -8.68 8.77
C ARG B 210 3.80 -7.86 9.62
N ILE B 211 4.16 -6.61 9.91
CA ILE B 211 3.24 -5.68 10.56
C ILE B 211 3.26 -4.34 9.84
N ASN B 212 2.08 -3.78 9.59
CA ASN B 212 1.94 -2.48 8.92
C ASN B 212 0.86 -1.64 9.57
N THR B 213 0.62 -0.45 9.03
CA THR B 213 -0.41 0.41 9.62
C THR B 213 -1.13 1.30 8.63
N ILE B 214 -2.45 1.32 8.75
CA ILE B 214 -3.25 2.14 7.87
C ILE B 214 -3.60 3.43 8.55
N SER B 215 -3.06 4.53 8.01
CA SER B 215 -3.50 5.89 8.33
C SER B 215 -4.77 6.18 7.50
N ALA B 216 -5.90 6.09 8.18
CA ALA B 216 -7.20 6.21 7.58
C ALA B 216 -7.67 7.65 7.52
N GLY B 217 -8.46 7.97 6.49
CA GLY B 217 -9.25 9.21 6.46
C GLY B 217 -10.37 9.19 7.52
N PRO B 218 -11.21 10.24 7.54
CA PRO B 218 -12.23 10.34 8.60
C PRO B 218 -13.55 9.59 8.31
N LEU B 219 -14.07 8.95 9.36
CA LEU B 219 -15.30 8.19 9.28
C LEU B 219 -16.24 8.56 10.42
N LYS B 220 -17.55 8.61 10.17
CA LYS B 220 -18.53 8.92 11.25
C LYS B 220 -18.78 7.76 12.21
N SER B 221 -17.72 7.26 12.82
CA SER B 221 -17.82 6.17 13.76
C SER B 221 -18.43 6.64 15.08
N ARG B 222 -18.62 5.68 15.99
CA ARG B 222 -19.15 5.92 17.32
C ARG B 222 -18.14 6.73 18.12
N ALA B 223 -16.87 6.36 18.02
CA ALA B 223 -15.81 6.97 18.82
C ALA B 223 -15.29 8.28 18.24
N ALA B 224 -15.51 8.51 16.93
CA ALA B 224 -15.15 9.77 16.27
C ALA B 224 -16.14 10.87 16.65
N THR B 225 -17.34 10.43 17.03
CA THR B 225 -18.44 11.30 17.45
C THR B 225 -18.19 11.81 18.84
N ALA B 226 -17.47 11.01 19.63
CA ALA B 226 -17.13 11.29 21.01
C ALA B 226 -16.22 12.52 21.21
N ILE B 227 -15.32 12.77 20.26
CA ILE B 227 -14.46 13.98 20.25
C ILE B 227 -15.25 15.31 20.26
N ASN B 228 -14.99 16.09 21.30
CA ASN B 228 -15.53 17.44 21.45
C ASN B 228 -14.38 18.42 21.80
N TYR B 270 -21.34 20.96 16.04
CA TYR B 270 -21.53 19.77 15.18
C TYR B 270 -20.24 18.88 15.11
N THR B 271 -19.48 18.87 16.20
CA THR B 271 -18.27 18.01 16.38
C THR B 271 -17.12 18.23 15.39
N PHE B 272 -15.96 17.69 15.74
CA PHE B 272 -14.75 17.85 14.94
C PHE B 272 -14.76 16.90 13.76
N ILE B 273 -15.30 15.69 13.96
CA ILE B 273 -15.38 14.72 12.86
C ILE B 273 -16.27 15.12 11.69
N ASP B 274 -17.35 15.86 11.95
CA ASP B 274 -18.21 16.31 10.85
C ASP B 274 -17.47 17.35 10.04
N TYR B 275 -16.70 18.19 10.72
CA TYR B 275 -15.88 19.14 10.01
C TYR B 275 -14.82 18.42 9.19
N ALA B 276 -14.16 17.44 9.80
CA ALA B 276 -13.16 16.62 9.12
C ALA B 276 -13.70 16.02 7.83
N ILE B 277 -14.88 15.39 7.93
CA ILE B 277 -15.51 14.75 6.76
C ILE B 277 -15.86 15.76 5.67
N GLU B 278 -16.15 16.99 6.07
CA GLU B 278 -16.49 17.98 5.08
C GLU B 278 -15.25 18.43 4.37
N TYR B 279 -14.19 18.65 5.15
CA TYR B 279 -12.93 19.10 4.58
C TYR B 279 -12.44 18.08 3.60
N SER B 280 -12.41 16.81 4.02
CA SER B 280 -11.93 15.73 3.18
C SER B 280 -12.70 15.65 1.85
N GLU B 281 -14.03 15.63 1.96
CA GLU B 281 -14.86 15.52 0.78
C GLU B 281 -14.81 16.77 -0.11
N LYS B 282 -14.40 17.92 0.46
CA LYS B 282 -14.25 19.13 -0.35
C LYS B 282 -12.86 19.28 -0.96
N TYR B 283 -11.81 19.00 -0.17
CA TYR B 283 -10.45 19.36 -0.58
C TYR B 283 -9.51 18.21 -0.98
N ALA B 284 -9.93 16.97 -0.77
CA ALA B 284 -9.12 15.82 -1.13
C ALA B 284 -9.14 15.59 -2.64
N PRO B 285 -8.03 15.03 -3.19
CA PRO B 285 -7.89 14.72 -4.61
C PRO B 285 -9.03 13.86 -5.15
N LEU B 286 -9.46 12.87 -4.37
CA LEU B 286 -10.61 12.00 -4.69
C LEU B 286 -11.85 12.45 -3.92
N ARG B 287 -12.83 12.97 -4.64
CA ARG B 287 -13.95 13.62 -3.96
C ARG B 287 -15.09 12.69 -3.59
N GLN B 288 -14.88 11.39 -3.76
CA GLN B 288 -15.81 10.35 -3.31
C GLN B 288 -15.89 10.29 -1.80
N LYS B 289 -17.03 9.85 -1.27
CA LYS B 289 -17.20 9.72 0.17
C LYS B 289 -16.38 8.55 0.69
N LEU B 290 -15.56 8.78 1.73
CA LEU B 290 -14.68 7.71 2.27
C LEU B 290 -15.42 6.67 3.13
N LEU B 291 -15.41 5.42 2.66
CA LEU B 291 -16.16 4.30 3.27
C LEU B 291 -15.31 3.30 4.03
N SER B 292 -15.80 2.79 5.15
CA SER B 292 -14.95 1.92 5.98
C SER B 292 -14.45 0.71 5.20
N THR B 293 -15.25 0.24 4.25
CA THR B 293 -14.84 -0.86 3.38
C THR B 293 -13.73 -0.46 2.40
N ASP B 294 -13.55 0.83 2.17
CA ASP B 294 -12.40 1.28 1.44
C ASP B 294 -11.16 0.94 2.23
N ILE B 295 -11.18 1.25 3.54
CA ILE B 295 -10.11 0.85 4.44
C ILE B 295 -10.13 -0.67 4.49
N GLY B 296 -11.32 -1.25 4.75
CA GLY B 296 -11.54 -2.70 4.79
C GLY B 296 -10.71 -3.43 3.76
N SER B 297 -10.85 -3.04 2.50
CA SER B 297 -10.20 -3.77 1.41
C SER B 297 -8.71 -3.55 1.37
N VAL B 298 -8.25 -2.47 1.95
CA VAL B 298 -6.83 -2.22 1.94
C VAL B 298 -6.27 -3.14 3.02
N ALA B 299 -6.91 -3.13 4.20
CA ALA B 299 -6.51 -4.00 5.31
C ALA B 299 -6.48 -5.45 4.85
N SER B 300 -7.50 -5.85 4.11
CA SER B 300 -7.51 -7.18 3.53
C SER B 300 -6.24 -7.45 2.69
N PHE B 301 -5.92 -6.52 1.79
CA PHE B 301 -4.75 -6.64 0.96
C PHE B 301 -3.48 -6.85 1.78
N LEU B 302 -3.33 -6.08 2.85
CA LEU B 302 -2.10 -6.12 3.63
C LEU B 302 -2.00 -7.41 4.43
N LEU B 303 -3.15 -7.91 4.86
CA LEU B 303 -3.20 -9.11 5.63
C LEU B 303 -2.97 -10.38 4.79
N SER B 304 -3.09 -10.23 3.47
CA SER B 304 -2.90 -11.32 2.52
C SER B 304 -1.45 -11.44 2.08
N ARG B 305 -1.22 -12.43 1.23
CA ARG B 305 0.13 -12.70 0.77
C ARG B 305 0.52 -11.70 -0.34
N GLU B 306 -0.47 -11.04 -0.96
CA GLU B 306 -0.23 -10.02 -1.99
C GLU B 306 0.77 -8.93 -1.54
N SER B 307 0.90 -8.80 -0.22
CA SER B 307 1.64 -7.72 0.38
C SER B 307 2.86 -8.26 1.10
N ARG B 308 3.30 -9.46 0.70
CA ARG B 308 4.40 -10.19 1.34
C ARG B 308 5.73 -9.44 1.44
N ALA B 309 5.92 -8.40 0.62
CA ALA B 309 7.18 -7.62 0.61
C ALA B 309 7.09 -6.22 1.24
N ILE B 310 5.89 -5.88 1.75
CA ILE B 310 5.62 -4.61 2.46
C ILE B 310 5.59 -4.89 3.96
N THR B 311 6.39 -4.15 4.73
CA THR B 311 6.36 -4.25 6.23
C THR B 311 6.86 -2.96 6.90
N GLY B 312 6.33 -2.63 8.09
CA GLY B 312 6.83 -1.47 8.85
C GLY B 312 6.32 -0.12 8.37
N GLN B 313 5.47 -0.16 7.33
CA GLN B 313 4.95 1.01 6.66
C GLN B 313 3.67 1.54 7.24
N THR B 314 3.61 2.87 7.27
CA THR B 314 2.34 3.56 7.27
C THR B 314 1.78 3.67 5.84
N ILE B 315 0.65 2.99 5.58
CA ILE B 315 -0.06 3.18 4.34
C ILE B 315 -1.26 4.11 4.50
N TYR B 316 -1.33 5.18 3.71
CA TYR B 316 -2.47 6.10 3.80
C TYR B 316 -3.70 5.70 2.95
N VAL B 317 -4.83 5.54 3.61
CA VAL B 317 -6.09 5.27 2.92
C VAL B 317 -7.04 6.41 3.34
N ASP B 318 -7.15 7.43 2.47
CA ASP B 318 -7.73 8.70 2.87
C ASP B 318 -8.06 9.60 1.71
N ASN B 319 -8.27 9.02 0.53
CA ASN B 319 -8.54 9.79 -0.69
C ASN B 319 -7.41 10.74 -1.08
N GLY B 320 -6.22 10.52 -0.52
CA GLY B 320 -5.06 11.33 -0.86
C GLY B 320 -4.99 12.72 -0.25
N LEU B 321 -5.83 13.01 0.75
CA LEU B 321 -5.80 14.31 1.45
C LEU B 321 -4.41 14.67 1.95
N ASN B 322 -3.69 13.68 2.49
CA ASN B 322 -2.38 13.90 3.12
C ASN B 322 -1.32 14.60 2.24
N ILE B 323 -1.50 14.56 0.91
CA ILE B 323 -0.54 15.12 -0.06
C ILE B 323 -0.72 16.65 -0.20
N MET B 324 -1.87 17.15 0.26
CA MET B 324 -2.19 18.57 0.08
C MET B 324 -1.48 19.42 1.12
N PHE B 325 -0.94 20.54 0.69
CA PHE B 325 -0.46 21.59 1.59
C PHE B 325 -1.54 22.65 1.73
N LEU B 326 -1.87 23.28 0.62
CA LEU B 326 -2.82 24.36 0.62
C LEU B 326 -4.11 23.95 -0.06
N PRO B 327 -5.26 24.22 0.60
CA PRO B 327 -6.56 24.26 -0.07
C PRO B 327 -6.49 25.12 -1.32
N ASP B 328 -6.93 24.56 -2.45
CA ASP B 328 -6.99 25.27 -3.73
C ASP B 328 -7.97 26.46 -3.71
N ASP B 329 -8.86 26.44 -2.72
CA ASP B 329 -9.97 27.40 -2.63
C ASP B 329 -9.92 28.12 -1.27
PA NAD C . 14.60 -2.83 -17.13
O1A NAD C . 15.85 -2.94 -17.99
O2A NAD C . 13.47 -3.83 -17.33
O5B NAD C . 13.85 -1.43 -17.34
C5B NAD C . 14.35 -0.42 -18.19
C4B NAD C . 13.47 -0.52 -19.41
O4B NAD C . 13.14 0.79 -19.85
C3B NAD C . 14.27 -1.20 -20.51
O3B NAD C . 13.41 -2.10 -21.23
C2B NAD C . 14.71 -0.08 -21.43
O2B NAD C . 14.87 -0.60 -22.75
C1B NAD C . 13.51 0.85 -21.23
N9A NAD C . 13.66 2.25 -21.71
C8A NAD C . 14.67 3.11 -21.47
N7A NAD C . 14.41 4.29 -22.09
C5A NAD C . 13.23 4.19 -22.75
C6A NAD C . 12.44 5.00 -23.54
N6A NAD C . 12.82 6.26 -23.83
N1A NAD C . 11.28 4.52 -24.01
C2A NAD C . 10.85 3.28 -23.76
N3A NAD C . 11.55 2.42 -23.00
C4A NAD C . 12.74 2.83 -22.48
O3 NAD C . 14.97 -2.75 -15.54
PN NAD C . 13.93 -2.61 -14.28
O1N NAD C . 14.78 -2.73 -13.01
O2N NAD C . 12.71 -3.47 -14.57
O5D NAD C . 13.42 -1.07 -14.27
C5D NAD C . 12.01 -0.80 -14.18
C4D NAD C . 11.77 0.35 -13.20
O4D NAD C . 11.95 -0.11 -11.85
C3D NAD C . 12.72 1.51 -13.43
O3D NAD C . 12.00 2.75 -13.41
C2D NAD C . 13.66 1.46 -12.24
O2D NAD C . 14.08 2.81 -11.97
C1D NAD C . 12.82 0.81 -11.13
N1N NAD C . 13.52 0.08 -10.05
C2N NAD C . 14.32 -0.98 -10.30
C3N NAD C . 14.98 -1.67 -9.26
C7N NAD C . 15.90 -2.86 -9.53
O7N NAD C . 17.07 -2.95 -8.90
N7N NAD C . 15.60 -3.79 -10.33
C4N NAD C . 14.79 -1.22 -7.96
C5N NAD C . 13.97 -0.13 -7.72
C6N NAD C . 13.34 0.50 -8.79
C2 JP1 D . 17.37 0.85 -11.23
C3 JP1 D . 18.19 -0.28 -11.03
C4 JP1 D . 18.58 -0.70 -9.76
C5 JP1 D . 18.12 -0.01 -8.66
C10 JP1 D . 17.94 1.66 -13.44
C11 JP1 D . 17.60 1.61 -14.78
C12 JP1 D . 18.50 1.96 -15.79
C15 JP1 D . 19.21 2.09 -13.10
C19 JP1 D . 20.62 3.29 -17.52
C23 JP1 D . 22.37 3.96 -20.48
C25 JP1 D . 23.71 2.35 -19.29
C26 JP1 D . 22.68 2.12 -18.16
O20 JP1 D . 19.76 4.12 -17.72
N21 JP1 D . 21.46 2.88 -18.48
O24 JP1 D . 23.60 3.68 -19.81
C22 JP1 D . 21.22 3.12 -19.91
N17 JP1 D . 20.74 2.75 -16.31
C13 JP1 D . 19.77 2.38 -15.44
CL16 JP1 D . 15.94 1.05 -15.11
C14 JP1 D . 20.10 2.45 -14.09
O9 JP1 D . 17.00 1.28 -12.49
C1 JP1 D . 16.93 1.53 -10.10
O7 JP1 D . 16.13 2.63 -10.20
C6 JP1 D . 17.31 1.10 -8.83
CL27 JP1 D . 18.54 -0.47 -6.99
PA NAD E . -14.58 2.66 16.98
O1A NAD E . -15.73 3.63 16.91
O2A NAD E . -14.69 1.30 16.34
O5B NAD E . -14.10 2.45 18.49
C5B NAD E . -12.90 1.75 18.80
C4B NAD E . -13.33 0.48 19.51
O4B NAD E . -12.33 0.05 20.43
C3B NAD E . -14.58 0.77 20.31
O3B NAD E . -15.60 -0.12 19.85
C2B NAD E . -14.20 0.51 21.74
O2B NAD E . -15.31 -0.07 22.43
C1B NAD E . -13.00 -0.42 21.59
N9A NAD E . -12.05 -0.32 22.71
C8A NAD E . -11.70 0.81 23.35
N7A NAD E . -10.80 0.56 24.34
C5A NAD E . -10.56 -0.77 24.35
C6A NAD E . -9.76 -1.61 25.11
N6A NAD E . -9.00 -1.11 26.11
N1A NAD E . -9.78 -2.92 24.82
C2A NAD E . -10.55 -3.41 23.83
N3A NAD E . -11.35 -2.66 23.05
C4A NAD E . -11.39 -1.33 23.26
O3 NAD E . -13.29 3.42 16.39
PN NAD E . -13.05 3.74 14.84
O1N NAD E . -13.63 5.12 14.60
O2N NAD E . -13.54 2.58 14.01
O5D NAD E . -11.45 3.77 14.74
C5D NAD E . -10.66 2.59 14.86
C4D NAD E . -9.22 3.00 14.62
O4D NAD E . -9.08 3.79 13.44
C3D NAD E . -8.75 3.86 15.78
O3D NAD E . -7.43 3.47 16.10
C2D NAD E . -8.69 5.27 15.24
O2D NAD E . -7.59 5.94 15.82
C1D NAD E . -8.45 5.04 13.76
N1N NAD E . -8.98 6.12 12.94
C2N NAD E . -10.30 6.42 12.97
C3N NAD E . -10.82 7.43 12.15
C7N NAD E . -12.27 7.78 12.21
O7N NAD E . -12.69 8.93 11.71
N7N NAD E . -13.10 7.00 12.72
C4N NAD E . -9.96 8.13 11.30
C5N NAD E . -8.60 7.79 11.27
C6N NAD E . -8.13 6.77 12.11
C2 JP1 F . -10.21 8.55 15.87
C3 JP1 F . -11.44 9.06 15.44
C4 JP1 F . -11.48 10.01 14.41
C5 JP1 F . -10.28 10.42 13.80
C10 JP1 F . -10.53 7.96 18.16
C11 JP1 F . -11.11 6.99 18.99
C12 JP1 F . -11.58 7.30 20.27
C15 JP1 F . -10.42 9.27 18.63
C19 JP1 F . -11.76 8.24 23.05
C23 JP1 F . -13.37 9.30 25.87
C25 JP1 F . -15.12 8.28 24.53
C26 JP1 F . -14.20 8.01 23.34
O20 JP1 F . -10.69 7.75 23.32
N21 JP1 F . -12.82 8.11 23.85
O24 JP1 F . -14.68 9.45 25.24
C22 JP1 F . -12.67 8.05 25.30
N17 JP1 F . -11.91 8.97 21.96
C13 JP1 F . -11.46 8.61 20.73
CL16 JP1 F . -11.26 5.29 18.44
C14 JP1 F . -10.89 9.58 19.91
O9 JP1 F . -10.09 7.64 16.89
C1 JP1 F . -9.05 8.97 15.25
O7 JP1 F . -7.87 8.45 15.68
C6 JP1 F . -9.07 9.89 14.23
CL27 JP1 F . -10.26 11.62 12.47
#